data_2WCU
#
_entry.id   2WCU
#
_cell.length_a   38.950
_cell.length_b   47.444
_cell.length_c   55.550
_cell.angle_alpha   76.22
_cell.angle_beta   72.25
_cell.angle_gamma   81.96
#
_symmetry.space_group_name_H-M   'P 1'
#
loop_
_entity.id
_entity.type
_entity.pdbx_description
1 polymer 'PROTEIN FUCU HOMOLOG'
2 non-polymer alpha-L-fucopyranose
3 water water
#
_entity_poly.entity_id   1
_entity_poly.type   'polypeptide(L)'
_entity_poly.pdbx_seq_one_letter_code
;MVALKGIPKVLSPELLFALARMGHGDEIVLADANFPTSSICQCGPVEIRADGLDIPQLLEAVLRLLPLDTYVESPAAVMD
LVPSDKEKGLQTPIWKRYESLLLEADCKKTLMKLERFEFYERAKKAFAVVATGEMALYGNIILKKGTLD
;
_entity_poly.pdbx_strand_id   A,B
#
loop_
_chem_comp.id
_chem_comp.type
_chem_comp.name
_chem_comp.formula
FUC L-saccharide, alpha linking alpha-L-fucopyranose 'C6 H12 O5'
#
# COMPACT_ATOMS: atom_id res chain seq x y z
N MET A 1 7.31 0.31 9.76
CA MET A 1 6.03 -0.34 9.36
C MET A 1 4.88 0.65 9.18
N VAL A 2 3.83 0.20 8.50
CA VAL A 2 2.66 1.02 8.19
C VAL A 2 1.54 1.04 9.23
N ALA A 3 0.73 2.11 9.21
CA ALA A 3 -0.40 2.27 10.11
C ALA A 3 -1.66 2.63 9.31
N LEU A 4 -2.25 1.64 8.66
CA LEU A 4 -3.45 1.86 7.89
C LEU A 4 -4.50 0.81 8.26
N LYS A 5 -5.77 1.20 8.22
CA LYS A 5 -6.86 0.29 8.56
C LYS A 5 -6.86 -0.96 7.67
N GLY A 6 -6.93 -2.12 8.29
CA GLY A 6 -6.98 -3.38 7.55
C GLY A 6 -5.68 -3.89 6.96
N ILE A 7 -4.59 -3.18 7.19
CA ILE A 7 -3.30 -3.60 6.64
C ILE A 7 -2.36 -4.10 7.73
N PRO A 8 -1.83 -5.32 7.57
CA PRO A 8 -0.92 -5.91 8.56
C PRO A 8 0.20 -4.94 8.91
N LYS A 9 0.41 -4.75 10.21
CA LYS A 9 1.42 -3.84 10.73
C LYS A 9 2.86 -4.14 10.37
N VAL A 10 3.20 -5.42 10.19
CA VAL A 10 4.58 -5.79 9.89
C VAL A 10 5.04 -5.43 8.47
N LEU A 11 4.11 -5.06 7.61
CA LEU A 11 4.47 -4.68 6.24
C LEU A 11 5.07 -3.27 6.21
N SER A 12 6.20 -3.11 5.53
CA SER A 12 6.82 -1.80 5.41
C SER A 12 6.16 -1.09 4.22
N PRO A 13 6.26 0.25 4.17
CA PRO A 13 5.63 0.90 3.01
C PRO A 13 6.23 0.45 1.67
N GLU A 14 7.53 0.17 1.66
CA GLU A 14 8.18 -0.27 0.42
C GLU A 14 7.67 -1.64 -0.04
N LEU A 15 7.37 -2.52 0.91
CA LEU A 15 6.85 -3.83 0.56
C LEU A 15 5.42 -3.68 0.04
N LEU A 16 4.63 -2.86 0.72
CA LEU A 16 3.25 -2.62 0.28
C LEU A 16 3.25 -2.06 -1.14
N PHE A 17 4.19 -1.15 -1.41
CA PHE A 17 4.33 -0.53 -2.72
C PHE A 17 4.64 -1.60 -3.78
N ALA A 18 5.55 -2.52 -3.44
CA ALA A 18 5.92 -3.59 -4.35
C ALA A 18 4.71 -4.49 -4.64
N LEU A 19 3.98 -4.86 -3.60
CA LEU A 19 2.81 -5.71 -3.79
C LEU A 19 1.76 -5.02 -4.66
N ALA A 20 1.61 -3.71 -4.48
CA ALA A 20 0.65 -2.94 -5.25
C ALA A 20 1.06 -2.83 -6.72
N ARG A 21 2.35 -2.75 -6.99
CA ARG A 21 2.84 -2.63 -8.36
C ARG A 21 2.83 -3.94 -9.13
N MET A 22 2.93 -5.07 -8.42
CA MET A 22 2.93 -6.37 -9.09
C MET A 22 1.65 -6.64 -9.85
N GLY A 23 1.78 -7.28 -11.01
CA GLY A 23 0.62 -7.61 -11.81
C GLY A 23 0.33 -9.10 -11.79
N HIS A 24 -0.69 -9.50 -12.53
CA HIS A 24 -1.09 -10.89 -12.64
C HIS A 24 0.10 -11.71 -13.12
N GLY A 25 0.40 -12.80 -12.43
CA GLY A 25 1.52 -13.65 -12.85
C GLY A 25 2.88 -13.28 -12.30
N ASP A 26 3.04 -12.07 -11.79
CA ASP A 26 4.33 -11.64 -11.23
C ASP A 26 4.62 -12.43 -9.96
N GLU A 27 5.90 -12.57 -9.63
CA GLU A 27 6.28 -13.32 -8.46
C GLU A 27 7.14 -12.50 -7.49
N ILE A 28 7.09 -12.88 -6.21
CA ILE A 28 7.88 -12.19 -5.21
C ILE A 28 8.55 -13.25 -4.36
N VAL A 29 9.80 -13.01 -4.00
CA VAL A 29 10.56 -13.97 -3.22
C VAL A 29 10.77 -13.49 -1.79
N LEU A 30 10.47 -14.35 -0.83
CA LEU A 30 10.71 -14.06 0.59
C LEU A 30 11.98 -14.87 0.83
N ALA A 31 13.11 -14.20 0.97
CA ALA A 31 14.41 -14.85 1.13
C ALA A 31 14.93 -15.04 2.56
N ASP A 32 15.56 -16.18 2.84
CA ASP A 32 16.10 -16.38 4.18
C ASP A 32 17.45 -15.65 4.30
N ALA A 33 18.02 -15.69 5.49
CA ALA A 33 19.27 -15.00 5.77
C ALA A 33 20.47 -15.43 4.92
N ASN A 34 20.44 -16.66 4.42
CA ASN A 34 21.54 -17.18 3.64
C ASN A 34 21.39 -17.09 2.12
N PHE A 35 20.28 -16.52 1.68
CA PHE A 35 20.03 -16.37 0.24
C PHE A 35 20.97 -15.31 -0.35
N PRO A 36 21.45 -15.55 -1.58
CA PRO A 36 22.35 -14.58 -2.23
C PRO A 36 21.51 -13.43 -2.81
N THR A 37 20.88 -12.67 -1.92
CA THR A 37 20.02 -11.56 -2.31
C THR A 37 20.71 -10.51 -3.19
N SER A 38 21.88 -10.07 -2.75
CA SER A 38 22.64 -9.06 -3.47
C SER A 38 22.92 -9.43 -4.93
N SER A 39 23.40 -10.65 -5.16
CA SER A 39 23.70 -11.08 -6.53
C SER A 39 22.43 -11.28 -7.36
N ILE A 40 21.39 -11.85 -6.75
CA ILE A 40 20.16 -12.06 -7.49
C ILE A 40 19.53 -10.73 -7.90
N CYS A 41 19.56 -9.75 -6.99
CA CYS A 41 18.96 -8.45 -7.31
C CYS A 41 19.77 -7.64 -8.30
N GLN A 42 20.95 -8.12 -8.67
CA GLN A 42 21.78 -7.43 -9.66
C GLN A 42 21.25 -7.83 -11.03
N CYS A 43 20.47 -8.91 -11.05
CA CYS A 43 19.93 -9.41 -12.30
C CYS A 43 18.50 -8.95 -12.61
N GLY A 44 17.95 -8.04 -11.81
CA GLY A 44 16.62 -7.57 -12.10
C GLY A 44 15.66 -7.20 -10.97
N PRO A 45 15.31 -8.14 -10.09
CA PRO A 45 14.38 -7.79 -9.01
C PRO A 45 14.82 -6.66 -8.07
N VAL A 46 13.84 -5.97 -7.52
CA VAL A 46 14.06 -4.89 -6.57
C VAL A 46 14.36 -5.53 -5.23
N GLU A 47 15.30 -4.95 -4.49
CA GLU A 47 15.64 -5.49 -3.18
C GLU A 47 14.88 -4.77 -2.08
N ILE A 48 14.18 -5.53 -1.24
CA ILE A 48 13.42 -4.94 -0.14
C ILE A 48 13.99 -5.54 1.15
N ARG A 49 14.31 -4.70 2.12
CA ARG A 49 14.87 -5.17 3.38
C ARG A 49 13.84 -5.37 4.48
N ALA A 50 13.97 -6.49 5.19
CA ALA A 50 13.07 -6.83 6.29
C ALA A 50 13.91 -7.57 7.34
N ASP A 51 15.09 -7.01 7.59
CA ASP A 51 16.07 -7.56 8.53
C ASP A 51 15.60 -8.15 9.84
N GLY A 52 14.67 -7.50 10.52
CA GLY A 52 14.23 -8.02 11.80
C GLY A 52 13.09 -9.01 11.80
N LEU A 53 12.65 -9.45 10.62
CA LEU A 53 11.52 -10.36 10.53
C LEU A 53 11.83 -11.80 10.09
N ASP A 54 11.06 -12.75 10.60
CA ASP A 54 11.18 -14.15 10.21
C ASP A 54 10.15 -14.31 9.11
N ILE A 55 10.28 -15.35 8.28
CA ILE A 55 9.34 -15.52 7.18
C ILE A 55 7.89 -15.90 7.55
N PRO A 56 7.68 -16.78 8.55
CA PRO A 56 6.29 -17.09 8.86
C PRO A 56 5.43 -15.84 9.14
N GLN A 57 5.96 -14.90 9.92
CA GLN A 57 5.21 -13.66 10.22
C GLN A 57 4.91 -12.89 8.94
N LEU A 58 5.93 -12.73 8.11
CA LEU A 58 5.78 -11.97 6.88
C LEU A 58 4.86 -12.65 5.90
N LEU A 59 5.02 -13.96 5.75
CA LEU A 59 4.19 -14.73 4.84
C LEU A 59 2.72 -14.57 5.17
N GLU A 60 2.40 -14.65 6.47
CA GLU A 60 1.01 -14.51 6.90
C GLU A 60 0.46 -13.14 6.53
N ALA A 61 1.27 -12.11 6.73
CA ALA A 61 0.86 -10.74 6.42
C ALA A 61 0.66 -10.55 4.92
N VAL A 62 1.59 -11.08 4.13
CA VAL A 62 1.51 -10.95 2.67
C VAL A 62 0.27 -11.67 2.12
N LEU A 63 -0.02 -12.84 2.63
CA LEU A 63 -1.17 -13.60 2.16
C LEU A 63 -2.51 -12.94 2.49
N ARG A 64 -2.51 -12.00 3.42
CA ARG A 64 -3.75 -11.30 3.75
C ARG A 64 -4.14 -10.31 2.64
N LEU A 65 -3.15 -9.86 1.87
CA LEU A 65 -3.41 -8.92 0.79
C LEU A 65 -3.22 -9.46 -0.62
N LEU A 66 -2.28 -10.40 -0.76
CA LEU A 66 -1.94 -10.95 -2.07
C LEU A 66 -2.73 -12.15 -2.57
N PRO A 67 -3.49 -11.97 -3.65
CA PRO A 67 -4.26 -13.08 -4.19
C PRO A 67 -3.28 -13.99 -4.93
N LEU A 68 -3.41 -15.30 -4.74
CA LEU A 68 -2.51 -16.23 -5.39
C LEU A 68 -3.08 -16.81 -6.68
N ASP A 69 -2.20 -17.11 -7.63
CA ASP A 69 -2.61 -17.68 -8.90
C ASP A 69 -3.25 -19.04 -8.66
N THR A 70 -4.46 -19.24 -9.16
CA THR A 70 -5.16 -20.49 -8.98
C THR A 70 -5.13 -21.38 -10.23
N TYR A 71 -4.44 -20.92 -11.28
CA TYR A 71 -4.37 -21.68 -12.53
C TYR A 71 -3.04 -22.40 -12.77
N VAL A 72 -2.13 -22.29 -11.81
CA VAL A 72 -0.85 -22.97 -11.92
C VAL A 72 -0.98 -24.17 -10.99
N GLU A 73 -0.15 -25.20 -11.15
CA GLU A 73 -0.29 -26.36 -10.27
C GLU A 73 -0.12 -25.96 -8.81
N SER A 74 0.74 -24.98 -8.56
CA SER A 74 0.95 -24.46 -7.21
C SER A 74 1.53 -23.06 -7.29
N PRO A 75 0.90 -22.11 -6.59
CA PRO A 75 1.38 -20.72 -6.61
C PRO A 75 2.52 -20.44 -5.63
N ALA A 76 3.02 -21.46 -4.95
CA ALA A 76 4.11 -21.26 -3.98
C ALA A 76 5.20 -22.32 -4.15
N ALA A 77 6.45 -21.88 -4.13
CA ALA A 77 7.57 -22.80 -4.28
C ALA A 77 8.71 -22.56 -3.30
N VAL A 78 9.38 -23.64 -2.91
CA VAL A 78 10.53 -23.56 -2.02
C VAL A 78 11.68 -24.22 -2.78
N MET A 79 12.89 -24.08 -2.25
CA MET A 79 14.05 -24.68 -2.88
C MET A 79 14.25 -26.08 -2.30
N ASP A 80 14.42 -27.07 -3.17
CA ASP A 80 14.63 -28.43 -2.70
C ASP A 80 16.07 -28.58 -2.19
N LEU A 81 16.26 -29.53 -1.28
CA LEU A 81 17.59 -29.77 -0.70
C LEU A 81 18.63 -30.13 -1.76
N VAL A 82 19.88 -29.71 -1.54
CA VAL A 82 20.94 -30.07 -2.47
C VAL A 82 21.28 -31.53 -2.14
N PRO A 83 21.86 -32.26 -3.10
CA PRO A 83 22.21 -33.68 -2.86
C PRO A 83 22.85 -33.99 -1.50
N SER A 84 23.88 -33.25 -1.14
CA SER A 84 24.58 -33.45 0.13
C SER A 84 23.63 -33.43 1.31
N ASP A 85 22.71 -32.48 1.32
CA ASP A 85 21.75 -32.36 2.42
C ASP A 85 20.71 -33.47 2.40
N LYS A 86 20.36 -33.94 1.21
CA LYS A 86 19.39 -35.03 1.11
C LYS A 86 20.05 -36.30 1.65
N GLU A 87 21.32 -36.47 1.31
CA GLU A 87 22.08 -37.64 1.76
C GLU A 87 22.20 -37.62 3.28
N LYS A 88 22.44 -36.43 3.82
CA LYS A 88 22.59 -36.25 5.25
C LYS A 88 21.25 -36.36 5.97
N GLY A 89 20.17 -36.40 5.21
CA GLY A 89 18.85 -36.52 5.79
C GLY A 89 18.41 -35.27 6.54
N LEU A 90 18.74 -34.11 5.96
CA LEU A 90 18.39 -32.83 6.57
C LEU A 90 16.89 -32.62 6.68
N GLN A 91 16.45 -32.08 7.81
CA GLN A 91 15.02 -31.82 8.04
C GLN A 91 14.73 -30.33 7.81
N THR A 92 13.59 -30.04 7.22
CA THR A 92 13.19 -28.65 6.97
C THR A 92 11.76 -28.44 7.47
N PRO A 93 11.58 -28.44 8.81
CA PRO A 93 10.27 -28.26 9.43
C PRO A 93 9.54 -26.95 9.11
N ILE A 94 10.27 -25.92 8.72
CA ILE A 94 9.60 -24.66 8.44
C ILE A 94 8.60 -24.82 7.28
N TRP A 95 8.84 -25.78 6.40
CA TRP A 95 7.91 -26.00 5.29
C TRP A 95 6.52 -26.40 5.79
N LYS A 96 6.46 -27.06 6.94
CA LYS A 96 5.17 -27.45 7.49
C LYS A 96 4.39 -26.21 7.86
N ARG A 97 5.09 -25.19 8.35
CA ARG A 97 4.46 -23.92 8.72
C ARG A 97 3.92 -23.23 7.46
N TYR A 98 4.69 -23.28 6.38
CA TYR A 98 4.25 -22.66 5.12
C TYR A 98 2.96 -23.31 4.60
N GLU A 99 2.93 -24.64 4.58
CA GLU A 99 1.73 -25.36 4.12
C GLU A 99 0.53 -24.93 4.97
N SER A 100 0.76 -24.80 6.28
CA SER A 100 -0.30 -24.41 7.20
C SER A 100 -0.80 -22.98 6.94
N LEU A 101 0.13 -22.05 6.73
CA LEU A 101 -0.25 -20.67 6.47
C LEU A 101 -1.00 -20.55 5.14
N LEU A 102 -0.58 -21.32 4.14
CA LEU A 102 -1.23 -21.30 2.85
C LEU A 102 -2.67 -21.80 2.96
N LEU A 103 -2.85 -22.86 3.73
CA LEU A 103 -4.18 -23.44 3.94
C LEU A 103 -5.11 -22.40 4.54
N GLU A 104 -4.62 -21.70 5.57
CA GLU A 104 -5.42 -20.70 6.24
C GLU A 104 -5.75 -19.53 5.31
N ALA A 105 -5.07 -19.47 4.17
CA ALA A 105 -5.33 -18.43 3.19
C ALA A 105 -6.13 -19.02 2.04
N ASP A 106 -6.72 -20.18 2.28
CA ASP A 106 -7.53 -20.88 1.28
C ASP A 106 -6.77 -21.51 0.13
N CYS A 107 -5.48 -21.76 0.30
CA CYS A 107 -4.70 -22.39 -0.74
C CYS A 107 -4.43 -23.84 -0.33
N LYS A 108 -5.16 -24.76 -0.94
CA LYS A 108 -5.05 -26.18 -0.64
C LYS A 108 -3.90 -26.91 -1.33
N LYS A 109 -3.25 -26.26 -2.29
CA LYS A 109 -2.13 -26.88 -2.99
C LYS A 109 -0.93 -27.09 -2.09
N THR A 110 -0.04 -27.98 -2.54
CA THR A 110 1.18 -28.27 -1.81
C THR A 110 2.31 -27.44 -2.43
N LEU A 111 3.33 -27.18 -1.63
CA LEU A 111 4.47 -26.40 -2.11
C LEU A 111 5.17 -27.12 -3.25
N MET A 112 5.66 -26.36 -4.21
CA MET A 112 6.39 -26.95 -5.32
C MET A 112 7.85 -26.91 -4.89
N LYS A 113 8.61 -27.96 -5.17
CA LYS A 113 10.03 -28.01 -4.81
C LYS A 113 10.87 -27.82 -6.06
N LEU A 114 11.68 -26.77 -6.10
CA LEU A 114 12.53 -26.49 -7.25
C LEU A 114 14.00 -26.75 -6.97
N GLU A 115 14.71 -27.29 -7.95
CA GLU A 115 16.13 -27.55 -7.81
C GLU A 115 16.81 -26.20 -7.59
N ARG A 116 17.85 -26.18 -6.77
CA ARG A 116 18.55 -24.93 -6.45
C ARG A 116 18.72 -23.93 -7.58
N PHE A 117 19.39 -24.33 -8.66
CA PHE A 117 19.62 -23.41 -9.77
C PHE A 117 18.34 -23.03 -10.49
N GLU A 118 17.35 -23.91 -10.47
CA GLU A 118 16.07 -23.59 -11.11
C GLU A 118 15.36 -22.54 -10.26
N PHE A 119 15.56 -22.61 -8.95
CA PHE A 119 14.96 -21.66 -8.02
C PHE A 119 15.60 -20.30 -8.27
N TYR A 120 16.93 -20.30 -8.39
CA TYR A 120 17.68 -19.06 -8.64
C TYR A 120 17.22 -18.40 -9.95
N GLU A 121 16.90 -19.22 -10.95
CA GLU A 121 16.44 -18.69 -12.22
C GLU A 121 15.12 -17.96 -12.07
N ARG A 122 14.21 -18.55 -11.29
CA ARG A 122 12.91 -17.94 -11.06
C ARG A 122 13.07 -16.64 -10.29
N ALA A 123 13.94 -16.65 -9.28
CA ALA A 123 14.17 -15.49 -8.44
C ALA A 123 14.64 -14.30 -9.26
N LYS A 124 15.44 -14.57 -10.28
CA LYS A 124 15.95 -13.51 -11.14
C LYS A 124 14.84 -12.86 -11.97
N LYS A 125 13.78 -13.60 -12.24
CA LYS A 125 12.66 -13.07 -13.01
C LYS A 125 11.59 -12.47 -12.09
N ALA A 126 11.81 -12.54 -10.79
CA ALA A 126 10.84 -12.03 -9.82
C ALA A 126 10.79 -10.50 -9.79
N PHE A 127 9.65 -9.97 -9.40
CA PHE A 127 9.48 -8.52 -9.33
C PHE A 127 10.32 -7.96 -8.19
N ALA A 128 10.42 -8.71 -7.10
CA ALA A 128 11.19 -8.24 -5.95
C ALA A 128 11.67 -9.39 -5.08
N VAL A 129 12.68 -9.11 -4.27
CA VAL A 129 13.23 -10.09 -3.35
C VAL A 129 13.27 -9.40 -1.99
N VAL A 130 12.61 -9.99 -1.00
CA VAL A 130 12.57 -9.43 0.34
C VAL A 130 13.59 -10.15 1.20
N ALA A 131 14.63 -9.44 1.63
CA ALA A 131 15.68 -10.01 2.46
C ALA A 131 15.20 -10.01 3.92
N THR A 132 14.96 -11.19 4.48
CA THR A 132 14.49 -11.29 5.86
C THR A 132 15.58 -11.81 6.78
N GLY A 133 15.26 -11.91 8.07
CA GLY A 133 16.23 -12.40 9.03
C GLY A 133 15.99 -13.86 9.35
N GLU A 134 15.24 -14.56 8.49
CA GLU A 134 14.93 -15.97 8.71
C GLU A 134 16.19 -16.82 8.70
N MET A 135 16.42 -17.53 9.79
CA MET A 135 17.60 -18.38 9.90
C MET A 135 17.38 -19.84 9.51
N ALA A 136 16.12 -20.25 9.39
CA ALA A 136 15.84 -21.63 9.01
C ALA A 136 16.47 -21.97 7.65
N LEU A 137 17.04 -23.16 7.55
CA LEU A 137 17.65 -23.58 6.30
C LEU A 137 16.53 -23.81 5.27
N TYR A 138 16.78 -23.39 4.04
CA TYR A 138 15.78 -23.54 2.97
C TYR A 138 14.46 -22.85 3.28
N GLY A 139 14.53 -21.68 3.91
CA GLY A 139 13.33 -20.94 4.24
C GLY A 139 12.77 -20.12 3.08
N ASN A 140 13.55 -19.97 2.01
CA ASN A 140 13.11 -19.19 0.85
C ASN A 140 11.79 -19.69 0.29
N ILE A 141 10.92 -18.77 -0.09
CA ILE A 141 9.66 -19.18 -0.68
C ILE A 141 9.28 -18.14 -1.73
N ILE A 142 8.75 -18.61 -2.87
CA ILE A 142 8.35 -17.72 -3.95
C ILE A 142 6.83 -17.79 -4.10
N LEU A 143 6.18 -16.64 -4.26
CA LEU A 143 4.72 -16.61 -4.42
C LEU A 143 4.37 -15.98 -5.77
N LYS A 144 3.31 -16.48 -6.39
CA LYS A 144 2.87 -15.97 -7.69
C LYS A 144 1.50 -15.31 -7.54
N LYS A 145 1.45 -14.02 -7.86
CA LYS A 145 0.22 -13.24 -7.76
C LYS A 145 -0.80 -13.64 -8.81
N GLY A 146 -2.06 -13.71 -8.40
CA GLY A 146 -3.14 -14.05 -9.31
C GLY A 146 -4.05 -12.85 -9.46
N THR A 147 -5.31 -13.09 -9.78
CA THR A 147 -6.28 -12.01 -9.94
C THR A 147 -7.33 -12.04 -8.84
N LEU A 148 -8.06 -10.94 -8.67
CA LEU A 148 -9.10 -10.86 -7.64
C LEU A 148 -10.47 -11.31 -8.14
N ASP A 149 -11.44 -11.23 -7.23
CA ASP A 149 -12.84 -11.58 -7.44
C ASP A 149 -13.14 -12.98 -6.89
N MET B 1 -3.99 1.35 -11.22
CA MET B 1 -4.90 0.76 -10.21
C MET B 1 -4.28 -0.42 -9.46
N VAL B 2 -4.74 -0.64 -8.23
CA VAL B 2 -4.22 -1.71 -7.40
C VAL B 2 -5.14 -2.92 -7.32
N ALA B 3 -4.55 -4.11 -7.32
CA ALA B 3 -5.31 -5.35 -7.21
C ALA B 3 -4.78 -6.11 -6.00
N LEU B 4 -5.35 -5.80 -4.84
CA LEU B 4 -4.99 -6.45 -3.57
C LEU B 4 -6.24 -6.61 -2.73
N LYS B 5 -6.33 -7.72 -2.00
CA LYS B 5 -7.48 -7.99 -1.15
C LYS B 5 -7.73 -6.88 -0.13
N GLY B 6 -8.97 -6.41 -0.09
CA GLY B 6 -9.35 -5.38 0.87
C GLY B 6 -8.91 -3.96 0.58
N ILE B 7 -8.25 -3.74 -0.55
CA ILE B 7 -7.77 -2.40 -0.88
C ILE B 7 -8.56 -1.84 -2.07
N PRO B 8 -9.12 -0.62 -1.91
CA PRO B 8 -9.89 0.04 -2.98
C PRO B 8 -9.08 0.07 -4.27
N LYS B 9 -9.67 -0.45 -5.35
CA LYS B 9 -8.99 -0.51 -6.64
C LYS B 9 -8.64 0.84 -7.26
N VAL B 10 -9.39 1.90 -6.92
CA VAL B 10 -9.11 3.20 -7.50
C VAL B 10 -7.84 3.86 -7.01
N LEU B 11 -7.27 3.35 -5.93
CA LEU B 11 -6.03 3.91 -5.41
C LEU B 11 -4.88 3.45 -6.32
N SER B 12 -3.93 4.34 -6.60
CA SER B 12 -2.80 3.97 -7.43
C SER B 12 -1.70 3.50 -6.49
N PRO B 13 -0.73 2.72 -6.98
CA PRO B 13 0.34 2.27 -6.10
C PRO B 13 1.09 3.43 -5.44
N GLU B 14 1.24 4.53 -6.17
CA GLU B 14 1.94 5.70 -5.65
C GLU B 14 1.19 6.34 -4.48
N LEU B 15 -0.14 6.40 -4.60
CA LEU B 15 -0.97 6.99 -3.56
C LEU B 15 -0.92 6.11 -2.32
N LEU B 16 -1.07 4.80 -2.51
CA LEU B 16 -1.01 3.86 -1.40
C LEU B 16 0.31 4.02 -0.67
N PHE B 17 1.40 4.13 -1.43
CA PHE B 17 2.74 4.29 -0.88
C PHE B 17 2.80 5.56 -0.01
N ALA B 18 2.24 6.64 -0.52
CA ALA B 18 2.22 7.90 0.21
C ALA B 18 1.43 7.75 1.52
N LEU B 19 0.25 7.15 1.43
CA LEU B 19 -0.57 6.95 2.63
C LEU B 19 0.17 6.14 3.68
N ALA B 20 0.92 5.13 3.23
CA ALA B 20 1.67 4.29 4.15
C ALA B 20 2.86 5.03 4.76
N ARG B 21 3.45 5.95 4.01
CA ARG B 21 4.61 6.71 4.51
C ARG B 21 4.24 7.84 5.48
N MET B 22 3.03 8.34 5.40
CA MET B 22 2.59 9.42 6.29
C MET B 22 2.55 8.98 7.75
N GLY B 23 2.88 9.90 8.65
CA GLY B 23 2.86 9.59 10.07
C GLY B 23 1.73 10.35 10.74
N HIS B 24 1.54 10.13 12.04
CA HIS B 24 0.48 10.80 12.77
C HIS B 24 0.65 12.31 12.64
N GLY B 25 -0.41 12.99 12.24
CA GLY B 25 -0.33 14.43 12.09
C GLY B 25 -0.05 14.90 10.69
N ASP B 26 0.47 14.03 9.83
CA ASP B 26 0.76 14.42 8.45
C ASP B 26 -0.54 14.65 7.69
N GLU B 27 -0.48 15.55 6.70
CA GLU B 27 -1.67 15.85 5.91
C GLU B 27 -1.51 15.56 4.43
N ILE B 28 -2.64 15.30 3.78
CA ILE B 28 -2.65 15.03 2.36
C ILE B 28 -3.77 15.86 1.76
N VAL B 29 -3.53 16.44 0.59
CA VAL B 29 -4.53 17.28 -0.05
C VAL B 29 -5.08 16.61 -1.29
N LEU B 30 -6.40 16.55 -1.39
CA LEU B 30 -7.07 16.02 -2.57
C LEU B 30 -7.49 17.33 -3.25
N ALA B 31 -6.84 17.66 -4.37
CA ALA B 31 -7.10 18.91 -5.06
C ALA B 31 -7.99 18.82 -6.29
N ASP B 32 -8.80 19.86 -6.50
CA ASP B 32 -9.68 19.88 -7.66
C ASP B 32 -8.87 20.33 -8.88
N ALA B 33 -9.51 20.29 -10.04
CA ALA B 33 -8.84 20.65 -11.29
C ALA B 33 -8.27 22.08 -11.38
N ASN B 34 -8.81 23.01 -10.59
CA ASN B 34 -8.36 24.40 -10.63
C ASN B 34 -7.36 24.80 -9.56
N PHE B 35 -6.91 23.83 -8.76
CA PHE B 35 -5.95 24.10 -7.69
C PHE B 35 -4.56 24.30 -8.31
N PRO B 36 -3.76 25.22 -7.76
CA PRO B 36 -2.41 25.45 -8.27
C PRO B 36 -1.45 24.38 -7.73
N THR B 37 -1.71 23.13 -8.08
CA THR B 37 -0.88 22.02 -7.61
C THR B 37 0.61 22.15 -7.95
N SER B 38 0.91 22.53 -9.19
CA SER B 38 2.31 22.68 -9.61
C SER B 38 3.12 23.63 -8.72
N SER B 39 2.59 24.81 -8.46
CA SER B 39 3.28 25.79 -7.62
C SER B 39 3.35 25.35 -6.17
N ILE B 40 2.27 24.75 -5.67
CA ILE B 40 2.26 24.30 -4.28
C ILE B 40 3.28 23.19 -4.08
N CYS B 41 3.36 22.27 -5.03
CA CYS B 41 4.29 21.16 -4.93
C CYS B 41 5.75 21.58 -5.07
N GLN B 42 5.98 22.78 -5.58
CA GLN B 42 7.33 23.29 -5.73
C GLN B 42 7.82 23.65 -4.33
N CYS B 43 6.87 23.80 -3.41
CA CYS B 43 7.20 24.18 -2.04
C CYS B 43 7.37 23.04 -1.06
N GLY B 44 7.38 21.80 -1.55
CA GLY B 44 7.56 20.68 -0.64
C GLY B 44 6.78 19.39 -0.83
N PRO B 45 5.44 19.43 -0.84
CA PRO B 45 4.67 18.20 -1.01
C PRO B 45 4.89 17.45 -2.32
N VAL B 46 4.79 16.13 -2.24
CA VAL B 46 4.95 15.27 -3.39
C VAL B 46 3.68 15.37 -4.23
N GLU B 47 3.84 15.35 -5.54
CA GLU B 47 2.72 15.46 -6.47
C GLU B 47 2.32 14.07 -7.00
N ILE B 48 1.04 13.74 -6.84
CA ILE B 48 0.50 12.47 -7.31
C ILE B 48 -0.65 12.80 -8.25
N ARG B 49 -0.62 12.22 -9.44
CA ARG B 49 -1.65 12.48 -10.45
C ARG B 49 -2.80 11.47 -10.34
N ALA B 50 -4.01 11.96 -10.51
CA ALA B 50 -5.21 11.14 -10.47
C ALA B 50 -6.23 11.91 -11.28
N ASP B 51 -5.76 12.41 -12.43
CA ASP B 51 -6.54 13.22 -13.36
C ASP B 51 -7.88 12.66 -13.80
N GLY B 52 -8.00 11.34 -13.93
CA GLY B 52 -9.25 10.77 -14.38
C GLY B 52 -10.30 10.52 -13.31
N LEU B 53 -10.03 10.92 -12.08
CA LEU B 53 -10.98 10.68 -10.99
C LEU B 53 -11.51 11.95 -10.33
N ASP B 54 -12.72 11.85 -9.79
CA ASP B 54 -13.34 12.96 -9.07
C ASP B 54 -13.01 12.72 -7.60
N ILE B 55 -13.17 13.74 -6.76
CA ILE B 55 -12.83 13.62 -5.35
C ILE B 55 -13.72 12.72 -4.48
N PRO B 56 -15.05 12.78 -4.65
CA PRO B 56 -15.90 11.91 -3.83
C PRO B 56 -15.49 10.44 -3.91
N GLN B 57 -15.21 9.96 -5.12
CA GLN B 57 -14.80 8.58 -5.27
C GLN B 57 -13.44 8.32 -4.60
N LEU B 58 -12.48 9.22 -4.79
CA LEU B 58 -11.17 9.05 -4.16
C LEU B 58 -11.24 9.19 -2.65
N LEU B 59 -11.99 10.18 -2.17
CA LEU B 59 -12.13 10.40 -0.74
C LEU B 59 -12.63 9.15 -0.02
N GLU B 60 -13.67 8.54 -0.56
CA GLU B 60 -14.23 7.33 0.02
C GLU B 60 -13.17 6.23 0.12
N ALA B 61 -12.43 6.05 -0.97
CA ALA B 61 -11.38 5.03 -0.99
C ALA B 61 -10.30 5.32 0.04
N VAL B 62 -9.88 6.58 0.14
CA VAL B 62 -8.86 6.94 1.11
C VAL B 62 -9.34 6.75 2.56
N LEU B 63 -10.59 7.12 2.82
CA LEU B 63 -11.14 6.99 4.17
C LEU B 63 -11.22 5.54 4.64
N ARG B 64 -11.24 4.61 3.70
CA ARG B 64 -11.30 3.20 4.03
C ARG B 64 -10.00 2.72 4.68
N LEU B 65 -8.89 3.38 4.37
CA LEU B 65 -7.58 3.00 4.90
C LEU B 65 -6.96 3.96 5.90
N LEU B 66 -7.19 5.25 5.68
CA LEU B 66 -6.58 6.28 6.52
C LEU B 66 -7.32 6.67 7.79
N PRO B 67 -6.71 6.44 8.95
CA PRO B 67 -7.37 6.82 10.20
C PRO B 67 -7.24 8.34 10.31
N LEU B 68 -8.29 9.02 10.79
CA LEU B 68 -8.25 10.47 10.92
C LEU B 68 -7.85 10.90 12.32
N ASP B 69 -7.10 12.00 12.42
CA ASP B 69 -6.63 12.50 13.72
C ASP B 69 -7.80 12.82 14.63
N THR B 70 -7.70 12.35 15.88
CA THR B 70 -8.78 12.57 16.86
C THR B 70 -8.55 13.68 17.88
N TYR B 71 -7.30 14.01 18.19
CA TYR B 71 -7.06 15.05 19.18
C TYR B 71 -6.99 16.46 18.62
N VAL B 72 -7.57 16.65 17.44
CA VAL B 72 -7.62 17.95 16.80
C VAL B 72 -9.11 18.25 16.66
N GLU B 73 -9.49 19.52 16.66
CA GLU B 73 -10.90 19.87 16.55
C GLU B 73 -11.58 19.23 15.34
N SER B 74 -10.87 19.24 14.20
CA SER B 74 -11.40 18.64 12.98
C SER B 74 -10.24 18.22 12.09
N PRO B 75 -10.24 16.95 11.66
CA PRO B 75 -9.17 16.41 10.80
C PRO B 75 -9.38 16.63 9.31
N ALA B 76 -10.45 17.33 8.94
CA ALA B 76 -10.74 17.60 7.53
C ALA B 76 -11.03 19.09 7.33
N ALA B 77 -10.52 19.66 6.25
CA ALA B 77 -10.74 21.06 5.96
C ALA B 77 -10.90 21.36 4.48
N VAL B 78 -11.76 22.33 4.18
CA VAL B 78 -11.98 22.77 2.81
C VAL B 78 -11.64 24.25 2.76
N MET B 79 -11.61 24.81 1.55
CA MET B 79 -11.30 26.22 1.36
C MET B 79 -12.59 27.01 1.33
N ASP B 80 -12.67 28.04 2.17
CA ASP B 80 -13.87 28.88 2.21
C ASP B 80 -13.92 29.80 1.00
N LEU B 81 -15.13 30.14 0.56
CA LEU B 81 -15.32 31.02 -0.59
C LEU B 81 -14.68 32.39 -0.39
N VAL B 82 -14.08 32.91 -1.45
CA VAL B 82 -13.45 34.23 -1.38
C VAL B 82 -14.57 35.27 -1.35
N PRO B 83 -14.28 36.47 -0.79
CA PRO B 83 -15.27 37.54 -0.71
C PRO B 83 -16.13 37.69 -1.96
N SER B 84 -15.48 37.63 -3.12
CA SER B 84 -16.18 37.75 -4.39
C SER B 84 -17.31 36.74 -4.52
N ASP B 85 -16.97 35.45 -4.41
CA ASP B 85 -17.94 34.38 -4.55
C ASP B 85 -19.05 34.40 -3.49
N LYS B 86 -18.69 34.67 -2.24
CA LYS B 86 -19.69 34.72 -1.18
C LYS B 86 -20.61 35.90 -1.39
N GLU B 87 -20.24 36.79 -2.31
CA GLU B 87 -21.04 37.96 -2.62
C GLU B 87 -22.06 37.59 -3.69
N LYS B 88 -21.73 36.55 -4.46
CA LYS B 88 -22.61 36.06 -5.52
C LYS B 88 -23.51 34.97 -4.95
N GLY B 89 -23.31 34.64 -3.67
CA GLY B 89 -24.10 33.62 -3.04
C GLY B 89 -23.84 32.25 -3.65
N LEU B 90 -22.64 32.07 -4.18
CA LEU B 90 -22.24 30.81 -4.82
C LEU B 90 -22.47 29.61 -3.90
N GLN B 91 -23.04 28.55 -4.48
CA GLN B 91 -23.31 27.33 -3.73
C GLN B 91 -22.13 26.38 -3.84
N THR B 92 -21.96 25.53 -2.83
CA THR B 92 -20.86 24.58 -2.80
C THR B 92 -21.38 23.24 -2.28
N PRO B 93 -22.31 22.61 -3.03
CA PRO B 93 -22.94 21.33 -2.69
C PRO B 93 -22.01 20.14 -2.42
N ILE B 94 -20.86 20.08 -3.09
CA ILE B 94 -19.96 18.96 -2.89
C ILE B 94 -19.57 18.77 -1.43
N TRP B 95 -19.54 19.87 -0.67
CA TRP B 95 -19.19 19.79 0.75
C TRP B 95 -20.16 18.88 1.50
N LYS B 96 -21.42 18.86 1.07
CA LYS B 96 -22.41 18.02 1.72
C LYS B 96 -22.03 16.56 1.50
N ARG B 97 -21.46 16.27 0.33
CA ARG B 97 -21.03 14.92 0.02
C ARG B 97 -19.87 14.55 0.93
N TYR B 98 -18.96 15.49 1.14
CA TYR B 98 -17.80 15.26 2.00
C TYR B 98 -18.24 14.99 3.45
N GLU B 99 -19.19 15.78 3.95
CA GLU B 99 -19.68 15.56 5.31
C GLU B 99 -20.25 14.16 5.41
N SER B 100 -21.02 13.75 4.41
CA SER B 100 -21.62 12.42 4.39
C SER B 100 -20.59 11.29 4.36
N LEU B 101 -19.58 11.41 3.50
CA LEU B 101 -18.55 10.38 3.42
C LEU B 101 -17.77 10.30 4.72
N LEU B 102 -17.56 11.43 5.36
CA LEU B 102 -16.84 11.46 6.63
C LEU B 102 -17.65 10.75 7.71
N LEU B 103 -18.96 10.98 7.72
CA LEU B 103 -19.83 10.35 8.70
C LEU B 103 -19.77 8.84 8.56
N GLU B 104 -19.84 8.37 7.33
CA GLU B 104 -19.80 6.94 7.06
C GLU B 104 -18.47 6.33 7.47
N ALA B 105 -17.45 7.18 7.64
CA ALA B 105 -16.15 6.71 8.08
C ALA B 105 -16.05 6.95 9.58
N ASP B 106 -17.21 7.20 10.19
CA ASP B 106 -17.32 7.43 11.62
C ASP B 106 -16.64 8.69 12.14
N CYS B 107 -16.64 9.73 11.32
CA CYS B 107 -16.08 11.02 11.72
C CYS B 107 -17.27 11.96 11.83
N LYS B 108 -17.65 12.28 13.06
CA LYS B 108 -18.79 13.15 13.31
C LYS B 108 -18.46 14.64 13.29
N LYS B 109 -17.18 14.96 13.12
CA LYS B 109 -16.77 16.35 13.09
C LYS B 109 -17.28 17.02 11.82
N THR B 110 -17.36 18.35 11.87
CA THR B 110 -17.81 19.14 10.74
C THR B 110 -16.55 19.65 10.03
N LEU B 111 -16.68 19.96 8.74
CA LEU B 111 -15.55 20.45 7.97
C LEU B 111 -15.05 21.80 8.47
N MET B 112 -13.73 21.94 8.55
CA MET B 112 -13.15 23.20 8.96
C MET B 112 -13.01 23.99 7.66
N LYS B 113 -13.41 25.26 7.67
CA LYS B 113 -13.33 26.09 6.47
C LYS B 113 -12.22 27.13 6.63
N LEU B 114 -11.17 26.98 5.82
CA LEU B 114 -10.02 27.88 5.87
C LEU B 114 -9.98 28.95 4.81
N GLU B 115 -9.51 30.12 5.20
CA GLU B 115 -9.36 31.25 4.27
C GLU B 115 -8.40 30.81 3.16
N ARG B 116 -8.72 31.21 1.94
CA ARG B 116 -7.91 30.83 0.77
C ARG B 116 -6.40 30.74 0.99
N PHE B 117 -5.79 31.82 1.46
CA PHE B 117 -4.34 31.80 1.69
C PHE B 117 -3.92 30.95 2.89
N GLU B 118 -4.83 30.75 3.85
CA GLU B 118 -4.49 29.89 4.99
C GLU B 118 -4.40 28.47 4.45
N PHE B 119 -5.34 28.15 3.57
CA PHE B 119 -5.43 26.83 2.95
C PHE B 119 -4.14 26.52 2.19
N TYR B 120 -3.67 27.50 1.43
CA TYR B 120 -2.45 27.35 0.65
C TYR B 120 -1.25 27.11 1.55
N GLU B 121 -1.22 27.78 2.69
CA GLU B 121 -0.12 27.64 3.63
C GLU B 121 -0.11 26.20 4.14
N ARG B 122 -1.29 25.68 4.47
CA ARG B 122 -1.45 24.31 4.94
C ARG B 122 -1.01 23.30 3.88
N ALA B 123 -1.47 23.54 2.65
CA ALA B 123 -1.15 22.66 1.53
C ALA B 123 0.35 22.56 1.29
N LYS B 124 1.06 23.67 1.49
CA LYS B 124 2.51 23.68 1.29
C LYS B 124 3.25 22.82 2.30
N LYS B 125 2.67 22.62 3.48
CA LYS B 125 3.31 21.78 4.50
C LYS B 125 2.78 20.35 4.47
N ALA B 126 1.90 20.06 3.52
CA ALA B 126 1.32 18.73 3.38
C ALA B 126 2.35 17.72 2.87
N PHE B 127 2.12 16.45 3.16
CA PHE B 127 3.03 15.41 2.72
C PHE B 127 2.90 15.22 1.21
N ALA B 128 1.68 15.36 0.70
CA ALA B 128 1.44 15.19 -0.72
C ALA B 128 0.17 15.89 -1.19
N VAL B 129 0.10 16.12 -2.49
CA VAL B 129 -1.06 16.74 -3.11
C VAL B 129 -1.49 15.83 -4.25
N VAL B 130 -2.75 15.43 -4.24
CA VAL B 130 -3.26 14.55 -5.27
C VAL B 130 -4.07 15.38 -6.26
N ALA B 131 -3.58 15.50 -7.48
CA ALA B 131 -4.27 16.27 -8.51
C ALA B 131 -5.35 15.40 -9.16
N THR B 132 -6.60 15.78 -8.92
CA THR B 132 -7.73 15.04 -9.47
C THR B 132 -8.38 15.81 -10.61
N GLY B 133 -9.39 15.22 -11.22
CA GLY B 133 -10.09 15.88 -12.31
C GLY B 133 -11.37 16.53 -11.84
N GLU B 134 -11.53 16.66 -10.52
CA GLU B 134 -12.72 17.26 -9.94
C GLU B 134 -12.98 18.67 -10.47
N MET B 135 -14.18 18.88 -11.03
CA MET B 135 -14.57 20.18 -11.57
C MET B 135 -15.39 21.03 -10.62
N ALA B 136 -15.86 20.44 -9.53
CA ALA B 136 -16.64 21.20 -8.56
C ALA B 136 -15.78 22.32 -7.99
N LEU B 137 -16.37 23.51 -7.85
CA LEU B 137 -15.65 24.65 -7.31
C LEU B 137 -15.45 24.44 -5.81
N TYR B 138 -14.27 24.81 -5.31
CA TYR B 138 -13.94 24.65 -3.90
C TYR B 138 -14.01 23.19 -3.46
N GLY B 139 -13.64 22.29 -4.36
CA GLY B 139 -13.65 20.87 -4.04
C GLY B 139 -12.44 20.36 -3.28
N ASN B 140 -11.42 21.19 -3.14
CA ASN B 140 -10.20 20.80 -2.42
C ASN B 140 -10.50 20.42 -0.98
N ILE B 141 -9.85 19.37 -0.50
CA ILE B 141 -10.05 18.95 0.88
C ILE B 141 -8.73 18.43 1.44
N ILE B 142 -8.45 18.76 2.69
CA ILE B 142 -7.23 18.32 3.35
C ILE B 142 -7.59 17.37 4.48
N LEU B 143 -6.85 16.26 4.58
CA LEU B 143 -7.11 15.26 5.61
C LEU B 143 -5.86 15.10 6.47
N LYS B 144 -6.06 14.98 7.78
CA LYS B 144 -4.96 14.83 8.72
C LYS B 144 -4.96 13.41 9.28
N LYS B 145 -3.88 12.68 9.02
CA LYS B 145 -3.77 11.29 9.46
C LYS B 145 -3.71 11.19 10.97
N GLY B 146 -4.45 10.23 11.52
CA GLY B 146 -4.46 10.04 12.95
C GLY B 146 -3.63 8.83 13.34
N THR B 147 -3.99 8.22 14.45
CA THR B 147 -3.28 7.05 14.95
C THR B 147 -4.18 5.83 14.85
N LEU B 148 -3.58 4.65 14.75
CA LEU B 148 -4.35 3.42 14.63
C LEU B 148 -4.21 2.55 15.88
N ASP B 149 -5.00 2.63 17.28
CA ASP B 149 -4.38 1.89 18.37
C ASP B 149 -5.38 0.92 18.96
C1 FUC C . 20.60 -20.82 -0.28
C2 FUC C . 19.98 -20.61 1.12
C3 FUC C . 19.22 -21.87 1.58
C4 FUC C . 20.20 -23.07 1.56
C5 FUC C . 20.75 -23.21 0.12
C6 FUC C . 21.72 -24.40 0.07
O1 FUC C . 19.57 -20.96 -1.26
O2 FUC C . 19.11 -19.47 1.11
O3 FUC C . 18.67 -21.66 2.89
O4 FUC C . 21.24 -22.84 2.51
O5 FUC C . 21.47 -22.00 -0.28
C1 FUC D . -8.51 27.48 -6.29
C2 FUC D . -9.49 26.38 -6.77
C3 FUC D . -10.78 26.43 -5.94
C4 FUC D . -11.41 27.84 -6.04
C5 FUC D . -10.37 28.86 -5.53
C6 FUC D . -10.94 30.28 -5.62
O1 FUC D . -8.06 27.20 -4.96
O2 FUC D . -8.88 25.09 -6.69
O3 FUC D . -11.71 25.42 -6.41
O4 FUC D . -11.80 28.11 -7.39
O5 FUC D . -9.14 28.80 -6.33
#